data_7LQS
#
_entry.id   7LQS
#
_entity_poly.entity_id   1
_entity_poly.type   'polypeptide(L)'
_entity_poly.pdbx_seq_one_letter_code
;CCSNPACQVQHSDLC
;
_entity_poly.pdbx_strand_id   A
#
# COMPACT_ATOMS: atom_id res chain seq x y z
N CYS A 1 4.65 -3.33 -0.21
CA CYS A 1 4.60 -2.32 -1.26
C CYS A 1 4.91 -0.94 -0.70
N CYS A 2 4.45 -0.68 0.52
CA CYS A 2 4.70 0.60 1.17
C CYS A 2 4.23 0.57 2.63
N SER A 3 4.59 1.61 3.38
CA SER A 3 4.22 1.69 4.78
C SER A 3 2.92 2.50 4.95
N ASN A 4 1.94 2.21 4.11
CA ASN A 4 0.66 2.89 4.17
C ASN A 4 -0.43 1.96 4.69
N PRO A 5 -1.54 2.55 5.15
CA PRO A 5 -2.68 1.79 5.68
C PRO A 5 -3.44 1.04 4.59
N ALA A 6 -3.47 1.63 3.39
CA ALA A 6 -4.16 1.02 2.26
C ALA A 6 -3.25 0.01 1.55
N CYS A 7 -2.00 0.40 1.35
CA CYS A 7 -1.03 -0.48 0.69
C CYS A 7 -1.00 -1.85 1.34
N GLN A 8 -0.94 -1.87 2.67
CA GLN A 8 -0.90 -3.13 3.41
C GLN A 8 -2.15 -3.97 3.13
N VAL A 9 -3.29 -3.29 3.00
CA VAL A 9 -4.55 -3.97 2.74
C VAL A 9 -4.59 -4.51 1.31
N GLN A 10 -4.21 -3.68 0.36
CA GLN A 10 -4.20 -4.07 -1.05
C GLN A 10 -2.82 -3.87 -1.67
N HIS A 11 -2.26 -4.93 -2.23
CA HIS A 11 -0.94 -4.87 -2.85
C HIS A 11 -0.95 -3.92 -4.04
N SER A 12 -0.57 -2.67 -3.80
CA SER A 12 -0.54 -1.66 -4.84
C SER A 12 0.76 -0.85 -4.78
N ASP A 13 1.65 -1.11 -5.72
CA ASP A 13 2.93 -0.41 -5.78
C ASP A 13 2.75 1.01 -6.33
N LEU A 14 2.16 1.89 -5.51
CA LEU A 14 1.92 3.26 -5.92
C LEU A 14 3.13 4.14 -5.57
N CYS A 15 3.72 3.88 -4.41
CA CYS A 15 4.87 4.65 -3.96
C CYS A 15 6.01 4.57 -4.98
N CYS A 1 -1.17 7.07 -1.02
CA CYS A 1 -1.22 5.63 -0.82
C CYS A 1 0.10 4.99 -1.21
N CYS A 2 1.02 4.93 -0.26
CA CYS A 2 2.34 4.35 -0.50
C CYS A 2 2.91 3.74 0.78
N SER A 3 2.83 4.50 1.87
CA SER A 3 3.34 4.04 3.17
C SER A 3 2.23 4.01 4.21
N ASN A 4 1.02 3.65 3.77
CA ASN A 4 -0.12 3.58 4.66
C ASN A 4 -0.41 2.13 5.08
N PRO A 5 -1.15 1.96 6.18
CA PRO A 5 -1.50 0.65 6.71
C PRO A 5 -2.49 -0.10 5.81
N ALA A 6 -3.55 0.61 5.41
CA ALA A 6 -4.57 0.03 4.54
C ALA A 6 -4.02 -0.26 3.15
N CYS A 7 -3.23 0.68 2.63
CA CYS A 7 -2.64 0.53 1.31
C CYS A 7 -1.89 -0.80 1.19
N GLN A 8 -1.18 -1.16 2.25
CA GLN A 8 -0.41 -2.40 2.27
C GLN A 8 -1.31 -3.60 1.97
N VAL A 9 -2.55 -3.54 2.45
CA VAL A 9 -3.51 -4.61 2.24
C VAL A 9 -3.69 -4.89 0.74
N GLN A 10 -3.70 -3.83 -0.05
CA GLN A 10 -3.86 -3.97 -1.49
C GLN A 10 -2.52 -4.19 -2.18
N HIS A 11 -2.54 -4.92 -3.29
CA HIS A 11 -1.32 -5.22 -4.04
C HIS A 11 -1.30 -4.44 -5.36
N SER A 12 -1.75 -3.19 -5.31
CA SER A 12 -1.77 -2.35 -6.50
C SER A 12 -1.08 -1.02 -6.24
N ASP A 13 0.00 -1.06 -5.47
CA ASP A 13 0.75 0.15 -5.15
C ASP A 13 2.13 -0.21 -4.60
N LEU A 14 3.16 0.05 -5.40
CA LEU A 14 4.54 -0.25 -4.99
C LEU A 14 5.18 0.97 -4.33
N CYS A 15 5.92 0.71 -3.25
CA CYS A 15 6.59 1.78 -2.52
C CYS A 15 8.04 1.40 -2.21
N CYS A 1 -0.41 6.76 -1.07
CA CYS A 1 -0.22 5.32 -0.90
C CYS A 1 1.26 4.95 -0.96
N CYS A 2 1.93 5.04 0.18
CA CYS A 2 3.36 4.71 0.26
C CYS A 2 3.64 3.78 1.44
N SER A 3 3.12 4.14 2.60
CA SER A 3 3.32 3.33 3.80
C SER A 3 2.09 3.40 4.71
N ASN A 4 0.97 2.89 4.21
CA ASN A 4 -0.27 2.88 4.98
C ASN A 4 -0.78 1.46 5.19
N PRO A 5 -1.67 1.29 6.19
CA PRO A 5 -2.25 -0.02 6.52
C PRO A 5 -3.22 -0.50 5.44
N ALA A 6 -4.11 0.37 5.03
CA ALA A 6 -5.10 0.03 4.00
C ALA A 6 -4.41 -0.32 2.69
N CYS A 7 -3.32 0.36 2.38
CA CYS A 7 -2.57 0.11 1.15
C CYS A 7 -1.65 -1.10 1.31
N GLN A 8 -1.09 -1.25 2.50
CA GLN A 8 -0.19 -2.37 2.78
C GLN A 8 -0.83 -3.69 2.39
N VAL A 9 -2.04 -3.93 2.91
CA VAL A 9 -2.76 -5.16 2.62
C VAL A 9 -3.16 -5.24 1.14
N GLN A 10 -3.49 -4.08 0.57
CA GLN A 10 -3.89 -4.02 -0.83
C GLN A 10 -2.75 -4.46 -1.73
N HIS A 11 -3.06 -4.66 -3.02
CA HIS A 11 -2.07 -5.08 -3.99
C HIS A 11 -1.42 -3.88 -4.66
N SER A 12 -0.97 -2.92 -3.85
CA SER A 12 -0.34 -1.71 -4.37
C SER A 12 1.03 -1.50 -3.72
N ASP A 13 2.01 -2.29 -4.15
CA ASP A 13 3.36 -2.20 -3.62
C ASP A 13 4.02 -0.89 -4.04
N LEU A 14 4.00 -0.62 -5.34
CA LEU A 14 4.59 0.60 -5.88
C LEU A 14 4.02 1.84 -5.19
N CYS A 15 4.91 2.73 -4.75
CA CYS A 15 4.49 3.95 -4.08
C CYS A 15 4.10 5.03 -5.09
N CYS A 1 -0.88 7.06 -0.29
CA CYS A 1 -0.95 5.61 -0.44
C CYS A 1 0.42 5.03 -0.76
N CYS A 2 1.43 5.47 -0.01
CA CYS A 2 2.79 4.99 -0.21
C CYS A 2 3.18 3.99 0.87
N SER A 3 3.19 4.44 2.12
CA SER A 3 3.56 3.59 3.24
C SER A 3 2.45 3.60 4.30
N ASN A 4 1.23 3.32 3.88
CA ASN A 4 0.09 3.29 4.79
C ASN A 4 -0.27 1.87 5.18
N PRO A 5 -1.00 1.72 6.30
CA PRO A 5 -1.43 0.42 6.80
C PRO A 5 -2.48 -0.23 5.89
N ALA A 6 -3.47 0.55 5.50
CA ALA A 6 -4.53 0.05 4.63
C ALA A 6 -4.03 -0.18 3.21
N CYS A 7 -3.28 0.79 2.70
CA CYS A 7 -2.74 0.70 1.34
C CYS A 7 -1.93 -0.58 1.16
N GLN A 8 -1.22 -0.98 2.22
CA GLN A 8 -0.41 -2.19 2.18
C GLN A 8 -1.27 -3.41 1.92
N VAL A 9 -2.49 -3.42 2.47
CA VAL A 9 -3.40 -4.53 2.30
C VAL A 9 -3.58 -4.87 0.82
N GLN A 10 -3.58 -3.84 -0.02
CA GLN A 10 -3.74 -4.02 -1.46
C GLN A 10 -2.44 -4.49 -2.11
N HIS A 11 -2.50 -4.82 -3.38
CA HIS A 11 -1.32 -5.29 -4.11
C HIS A 11 -0.59 -4.12 -4.77
N SER A 12 -1.36 -3.17 -5.28
CA SER A 12 -0.79 -2.00 -5.94
C SER A 12 -0.29 -0.99 -4.91
N ASP A 13 0.87 -1.28 -4.31
CA ASP A 13 1.46 -0.40 -3.31
C ASP A 13 2.90 -0.07 -3.66
N LEU A 14 3.15 0.25 -4.92
CA LEU A 14 4.49 0.59 -5.38
C LEU A 14 4.67 2.09 -5.45
N CYS A 15 5.56 2.60 -4.60
CA CYS A 15 5.85 4.03 -4.56
C CYS A 15 6.55 4.50 -5.83
N CYS A 1 1.79 6.38 0.85
CA CYS A 1 0.77 5.35 0.67
C CYS A 1 1.20 4.05 1.36
N CYS A 2 2.26 3.44 0.86
CA CYS A 2 2.76 2.19 1.43
C CYS A 2 2.96 2.33 2.93
N SER A 3 3.39 3.50 3.37
CA SER A 3 3.64 3.76 4.78
C SER A 3 2.41 3.39 5.61
N ASN A 4 1.23 3.62 5.06
CA ASN A 4 -0.01 3.32 5.75
C ASN A 4 -0.45 1.88 5.47
N PRO A 5 -1.32 1.35 6.33
CA PRO A 5 -1.84 -0.02 6.19
C PRO A 5 -2.78 -0.16 5.00
N ALA A 6 -3.55 0.89 4.72
CA ALA A 6 -4.48 0.89 3.60
C ALA A 6 -3.80 0.46 2.31
N CYS A 7 -2.70 1.12 1.99
CA CYS A 7 -1.95 0.81 0.78
C CYS A 7 -1.28 -0.56 0.89
N GLN A 8 -0.81 -0.89 2.09
CA GLN A 8 -0.15 -2.16 2.33
C GLN A 8 -1.10 -3.33 2.07
N VAL A 9 -2.35 -3.17 2.47
CA VAL A 9 -3.36 -4.19 2.28
C VAL A 9 -3.58 -4.48 0.79
N GLN A 10 -3.78 -3.41 0.02
CA GLN A 10 -4.01 -3.54 -1.41
C GLN A 10 -2.72 -3.92 -2.14
N HIS A 11 -2.85 -4.71 -3.20
CA HIS A 11 -1.70 -5.14 -3.98
C HIS A 11 -1.79 -4.63 -5.42
N SER A 12 -2.21 -3.38 -5.58
CA SER A 12 -2.35 -2.78 -6.89
C SER A 12 -1.73 -1.38 -6.93
N ASP A 13 -0.60 -1.23 -6.23
CA ASP A 13 0.09 0.05 -6.18
C ASP A 13 1.42 -0.09 -5.44
N LEU A 14 2.52 0.09 -6.18
CA LEU A 14 3.85 -0.01 -5.60
C LEU A 14 4.51 1.36 -5.49
N CYS A 15 5.39 1.51 -4.50
CA CYS A 15 6.09 2.78 -4.30
C CYS A 15 7.60 2.59 -4.45
N CYS A 1 -0.54 3.93 -3.07
CA CYS A 1 0.01 4.54 -1.87
C CYS A 1 1.52 4.32 -1.79
N CYS A 2 2.18 5.12 -0.96
CA CYS A 2 3.62 5.01 -0.78
C CYS A 2 3.97 4.08 0.38
N SER A 3 3.15 4.12 1.42
CA SER A 3 3.36 3.28 2.60
C SER A 3 2.24 3.45 3.61
N ASN A 4 1.15 2.72 3.41
CA ASN A 4 0.01 2.80 4.31
C ASN A 4 -0.60 1.42 4.55
N PRO A 5 -1.37 1.28 5.64
CA PRO A 5 -2.01 0.03 6.01
C PRO A 5 -3.13 -0.36 5.04
N ALA A 6 -4.01 0.61 4.76
CA ALA A 6 -5.12 0.37 3.84
C ALA A 6 -4.63 -0.15 2.49
N CYS A 7 -3.49 0.34 2.06
CA CYS A 7 -2.91 -0.08 0.79
C CYS A 7 -2.07 -1.34 0.95
N GLN A 8 -1.39 -1.44 2.10
CA GLN A 8 -0.55 -2.60 2.37
C GLN A 8 -1.33 -3.90 2.19
N VAL A 9 -2.49 -3.99 2.85
CA VAL A 9 -3.32 -5.18 2.75
C VAL A 9 -3.65 -5.51 1.30
N GLN A 10 -3.83 -4.45 0.49
CA GLN A 10 -4.15 -4.64 -0.92
C GLN A 10 -2.89 -4.95 -1.73
N HIS A 11 -3.05 -5.12 -3.04
CA HIS A 11 -1.93 -5.41 -3.92
C HIS A 11 -1.39 -4.14 -4.56
N SER A 12 -1.02 -3.17 -3.71
CA SER A 12 -0.49 -1.91 -4.19
C SER A 12 0.69 -1.46 -3.34
N ASP A 13 1.89 -1.55 -3.91
CA ASP A 13 3.11 -1.16 -3.20
C ASP A 13 4.03 -0.34 -4.11
N LEU A 14 3.83 0.97 -4.12
CA LEU A 14 4.64 1.85 -4.95
C LEU A 14 4.28 3.32 -4.70
N CYS A 15 5.28 4.12 -4.35
CA CYS A 15 5.05 5.54 -4.09
C CYS A 15 4.71 6.28 -5.37
N CYS A 1 6.43 -2.24 -0.98
CA CYS A 1 5.18 -1.67 -0.54
C CYS A 1 5.41 -0.37 0.22
N CYS A 2 4.57 0.63 -0.06
CA CYS A 2 4.68 1.93 0.60
C CYS A 2 4.45 1.81 2.10
N SER A 3 4.74 2.88 2.82
CA SER A 3 4.57 2.90 4.28
C SER A 3 3.17 3.38 4.65
N ASN A 4 2.16 2.72 4.11
CA ASN A 4 0.77 3.09 4.40
C ASN A 4 -0.12 1.86 4.46
N PRO A 5 -1.29 2.00 5.10
CA PRO A 5 -2.26 0.91 5.24
C PRO A 5 -2.91 0.54 3.92
N ALA A 6 -3.14 1.53 3.07
CA ALA A 6 -3.75 1.31 1.76
C ALA A 6 -3.00 0.24 0.98
N CYS A 7 -1.68 0.25 1.10
CA CYS A 7 -0.85 -0.72 0.40
C CYS A 7 -0.82 -2.05 1.14
N GLN A 8 -0.83 -1.99 2.47
CA GLN A 8 -0.81 -3.19 3.30
C GLN A 8 -2.02 -4.07 3.00
N VAL A 9 -3.20 -3.47 3.02
CA VAL A 9 -4.44 -4.20 2.76
C VAL A 9 -4.44 -4.78 1.35
N GLN A 10 -3.87 -4.04 0.41
CA GLN A 10 -3.81 -4.48 -0.98
C GLN A 10 -2.62 -3.85 -1.71
N HIS A 11 -1.91 -4.66 -2.49
CA HIS A 11 -0.76 -4.18 -3.23
C HIS A 11 -1.16 -3.75 -4.64
N SER A 12 -2.10 -2.82 -4.72
CA SER A 12 -2.58 -2.31 -6.01
C SER A 12 -2.51 -0.79 -6.06
N ASP A 13 -1.45 -0.24 -5.48
CA ASP A 13 -1.25 1.21 -5.46
C ASP A 13 0.18 1.56 -5.06
N LEU A 14 0.95 2.06 -6.02
CA LEU A 14 2.34 2.44 -5.77
C LEU A 14 2.45 3.93 -5.48
N CYS A 15 3.42 4.30 -4.66
CA CYS A 15 3.64 5.70 -4.30
C CYS A 15 4.95 6.21 -4.88
N CYS A 1 -1.17 5.79 0.17
CA CYS A 1 -1.14 4.44 -0.39
C CYS A 1 0.30 3.94 -0.52
N CYS A 2 1.20 4.85 -0.85
CA CYS A 2 2.62 4.51 -1.01
C CYS A 2 3.13 3.76 0.22
N SER A 3 2.64 4.17 1.39
CA SER A 3 3.07 3.55 2.64
C SER A 3 1.98 3.69 3.71
N ASN A 4 0.86 3.01 3.50
CA ASN A 4 -0.26 3.05 4.44
C ASN A 4 -0.79 1.66 4.72
N PRO A 5 -1.51 1.52 5.84
CA PRO A 5 -2.09 0.24 6.26
C PRO A 5 -3.23 -0.20 5.35
N ALA A 6 -4.16 0.72 5.08
CA ALA A 6 -5.29 0.42 4.21
C ALA A 6 -4.85 -0.13 2.87
N CYS A 7 -3.93 0.60 2.22
CA CYS A 7 -3.41 0.18 0.92
C CYS A 7 -2.55 -1.07 1.05
N GLN A 8 -1.80 -1.16 2.15
CA GLN A 8 -0.93 -2.30 2.39
C GLN A 8 -1.72 -3.61 2.33
N VAL A 9 -2.96 -3.58 2.84
CA VAL A 9 -3.81 -4.75 2.83
C VAL A 9 -3.90 -5.37 1.44
N GLN A 10 -4.12 -4.53 0.44
CA GLN A 10 -4.22 -4.99 -0.94
C GLN A 10 -2.86 -4.97 -1.63
N HIS A 11 -2.81 -5.48 -2.86
CA HIS A 11 -1.57 -5.52 -3.62
C HIS A 11 -1.14 -4.11 -4.02
N SER A 12 -0.28 -3.50 -3.22
CA SER A 12 0.21 -2.15 -3.49
C SER A 12 1.70 -2.17 -3.80
N ASP A 13 2.04 -2.27 -5.07
CA ASP A 13 3.43 -2.30 -5.50
C ASP A 13 4.19 -1.08 -4.97
N LEU A 14 3.89 0.09 -5.52
CA LEU A 14 4.54 1.33 -5.11
C LEU A 14 3.90 2.53 -5.78
N CYS A 15 4.02 3.70 -5.16
CA CYS A 15 3.46 4.93 -5.70
C CYS A 15 4.38 5.53 -6.76
N CYS A 1 5.15 -0.60 -1.91
CA CYS A 1 4.14 0.17 -1.20
C CYS A 1 4.76 0.96 -0.04
N CYS A 2 4.03 1.95 0.46
CA CYS A 2 4.50 2.77 1.56
C CYS A 2 4.28 2.07 2.90
N SER A 3 4.49 2.81 3.98
CA SER A 3 4.32 2.26 5.33
C SER A 3 2.95 2.61 5.88
N ASN A 4 1.95 2.63 5.01
CA ASN A 4 0.58 2.95 5.41
C ASN A 4 -0.34 1.77 5.18
N PRO A 5 -1.50 1.78 5.86
CA PRO A 5 -2.50 0.71 5.74
C PRO A 5 -3.20 0.71 4.38
N ALA A 6 -3.39 1.91 3.82
CA ALA A 6 -4.03 2.05 2.52
C ALA A 6 -3.32 1.21 1.47
N CYS A 7 -1.99 1.19 1.53
CA CYS A 7 -1.19 0.44 0.58
C CYS A 7 -0.94 -0.99 1.08
N GLN A 8 -0.75 -1.12 2.39
CA GLN A 8 -0.51 -2.43 2.99
C GLN A 8 -1.59 -3.42 2.60
N VAL A 9 -2.85 -2.99 2.69
CA VAL A 9 -3.98 -3.84 2.34
C VAL A 9 -3.86 -4.36 0.91
N GLN A 10 -3.36 -3.50 0.01
CA GLN A 10 -3.20 -3.88 -1.39
C GLN A 10 -1.78 -4.37 -1.65
N HIS A 11 -1.56 -4.85 -2.87
CA HIS A 11 -0.25 -5.37 -3.26
C HIS A 11 0.23 -4.74 -4.56
N SER A 12 -0.41 -5.13 -5.66
CA SER A 12 -0.05 -4.61 -6.98
C SER A 12 -0.70 -3.25 -7.21
N ASP A 13 -0.27 -2.25 -6.46
CA ASP A 13 -0.79 -0.91 -6.59
C ASP A 13 0.10 0.11 -5.88
N LEU A 14 0.71 0.99 -6.66
CA LEU A 14 1.60 2.01 -6.12
C LEU A 14 0.82 3.04 -5.31
N CYS A 15 1.48 3.64 -4.33
CA CYS A 15 0.85 4.64 -3.48
C CYS A 15 0.22 5.74 -4.33
N CYS A 1 1.77 0.35 2.55
CA CYS A 1 2.96 -0.17 1.90
C CYS A 1 4.13 0.78 2.06
N CYS A 2 3.86 2.07 1.96
CA CYS A 2 4.90 3.09 2.11
C CYS A 2 4.36 4.31 2.86
N SER A 3 3.15 4.72 2.50
CA SER A 3 2.53 5.88 3.14
C SER A 3 1.59 5.45 4.28
N ASN A 4 0.53 4.74 3.91
CA ASN A 4 -0.44 4.26 4.91
C ASN A 4 -0.44 2.74 4.97
N PRO A 5 -0.96 2.20 6.07
CA PRO A 5 -1.05 0.75 6.28
C PRO A 5 -2.06 0.08 5.36
N ALA A 6 -3.14 0.81 5.04
CA ALA A 6 -4.18 0.29 4.18
C ALA A 6 -3.60 -0.25 2.87
N CYS A 7 -2.68 0.52 2.28
CA CYS A 7 -2.04 0.12 1.04
C CYS A 7 -1.44 -1.29 1.16
N GLN A 8 -0.92 -1.60 2.33
CA GLN A 8 -0.31 -2.91 2.57
C GLN A 8 -1.28 -4.02 2.23
N VAL A 9 -2.55 -3.81 2.54
CA VAL A 9 -3.59 -4.80 2.26
C VAL A 9 -3.86 -4.91 0.76
N GLN A 10 -3.86 -3.77 0.09
CA GLN A 10 -4.10 -3.73 -1.35
C GLN A 10 -3.02 -4.50 -2.11
N HIS A 11 -3.26 -4.73 -3.39
CA HIS A 11 -2.31 -5.46 -4.23
C HIS A 11 -1.63 -4.52 -5.23
N SER A 12 -1.06 -3.43 -4.72
CA SER A 12 -0.38 -2.46 -5.56
C SER A 12 0.92 -1.98 -4.91
N ASP A 13 2.04 -2.43 -5.47
CA ASP A 13 3.35 -2.04 -4.94
C ASP A 13 3.99 -0.97 -5.82
N LEU A 14 3.20 0.00 -6.24
CA LEU A 14 3.69 1.09 -7.08
C LEU A 14 4.83 1.84 -6.39
N CYS A 15 4.74 1.98 -5.08
CA CYS A 15 5.76 2.67 -4.30
C CYS A 15 6.90 1.73 -3.94
N CYS A 1 1.16 5.58 -1.85
CA CYS A 1 1.37 5.11 -0.49
C CYS A 1 2.55 4.14 -0.43
N CYS A 2 3.38 4.29 0.59
CA CYS A 2 4.56 3.44 0.76
C CYS A 2 4.52 2.74 2.12
N SER A 3 4.06 3.46 3.14
CA SER A 3 3.97 2.91 4.48
C SER A 3 2.66 3.30 5.15
N ASN A 4 1.61 2.53 4.87
CA ASN A 4 0.30 2.79 5.45
C ASN A 4 -0.40 1.50 5.83
N PRO A 5 -1.41 1.60 6.72
CA PRO A 5 -2.17 0.44 7.19
C PRO A 5 -3.06 -0.15 6.10
N ALA A 6 -3.60 0.72 5.25
CA ALA A 6 -4.47 0.29 4.16
C ALA A 6 -3.65 -0.07 2.92
N CYS A 7 -2.57 0.67 2.69
CA CYS A 7 -1.72 0.43 1.54
C CYS A 7 -1.29 -1.03 1.46
N GLN A 8 -0.83 -1.56 2.59
CA GLN A 8 -0.40 -2.95 2.65
C GLN A 8 -1.52 -3.90 2.24
N VAL A 9 -2.75 -3.54 2.59
CA VAL A 9 -3.92 -4.34 2.25
C VAL A 9 -4.07 -4.49 0.75
N GLN A 10 -3.98 -3.37 0.03
CA GLN A 10 -4.10 -3.38 -1.42
C GLN A 10 -2.73 -3.28 -2.09
N HIS A 11 -2.32 -4.38 -2.72
CA HIS A 11 -1.02 -4.42 -3.40
C HIS A 11 -1.19 -4.17 -4.89
N SER A 12 -2.06 -3.22 -5.24
CA SER A 12 -2.31 -2.89 -6.64
C SER A 12 -1.82 -1.49 -6.96
N ASP A 13 -0.62 -1.16 -6.48
CA ASP A 13 -0.03 0.15 -6.72
C ASP A 13 1.39 0.21 -6.16
N LEU A 14 2.36 0.45 -7.05
CA LEU A 14 3.75 0.54 -6.65
C LEU A 14 3.93 1.53 -5.50
N CYS A 15 5.10 1.48 -4.87
CA CYS A 15 5.39 2.37 -3.76
C CYS A 15 5.15 3.83 -4.14
N CYS A 1 0.28 4.90 -0.81
CA CYS A 1 0.57 3.48 -0.68
C CYS A 1 2.07 3.25 -0.56
N CYS A 2 2.74 4.14 0.16
CA CYS A 2 4.19 4.02 0.35
C CYS A 2 4.51 3.28 1.65
N SER A 3 4.13 3.86 2.77
CA SER A 3 4.37 3.26 4.08
C SER A 3 3.17 3.44 5.00
N ASN A 4 2.20 2.55 4.87
CA ASN A 4 1.00 2.61 5.69
C ASN A 4 0.30 1.25 5.75
N PRO A 5 -0.55 1.06 6.77
CA PRO A 5 -1.28 -0.19 6.96
C PRO A 5 -2.35 -0.41 5.89
N ALA A 6 -2.95 0.70 5.43
CA ALA A 6 -3.98 0.63 4.41
C ALA A 6 -3.46 -0.03 3.14
N CYS A 7 -2.22 0.30 2.77
CA CYS A 7 -1.62 -0.26 1.58
C CYS A 7 -1.65 -1.79 1.61
N GLN A 8 -1.48 -2.36 2.80
CA GLN A 8 -1.49 -3.80 2.97
C GLN A 8 -2.74 -4.41 2.33
N VAL A 9 -3.86 -3.70 2.43
CA VAL A 9 -5.11 -4.17 1.86
C VAL A 9 -5.11 -4.04 0.34
N GLN A 10 -4.72 -2.87 -0.15
CA GLN A 10 -4.67 -2.62 -1.59
C GLN A 10 -3.25 -2.30 -2.04
N HIS A 11 -2.40 -3.33 -2.09
CA HIS A 11 -1.02 -3.16 -2.50
C HIS A 11 -0.82 -3.63 -3.94
N SER A 12 -0.65 -2.67 -4.85
CA SER A 12 -0.47 -2.99 -6.27
C SER A 12 0.98 -2.72 -6.69
N ASP A 13 1.91 -2.99 -5.79
CA ASP A 13 3.33 -2.77 -6.07
C ASP A 13 3.58 -1.36 -6.57
N LEU A 14 3.04 -0.37 -5.87
CA LEU A 14 3.21 1.02 -6.25
C LEU A 14 2.65 1.95 -5.17
N CYS A 15 3.33 3.07 -4.96
CA CYS A 15 2.90 4.04 -3.95
C CYS A 15 1.48 4.50 -4.20
N CYS A 1 0.36 6.64 0.74
CA CYS A 1 -0.01 5.32 0.21
C CYS A 1 1.24 4.54 -0.19
N CYS A 2 2.19 4.43 0.74
CA CYS A 2 3.43 3.70 0.49
C CYS A 2 3.82 2.86 1.70
N SER A 3 3.85 3.50 2.87
CA SER A 3 4.22 2.81 4.10
C SER A 3 3.10 2.92 5.14
N ASN A 4 1.85 2.86 4.67
CA ASN A 4 0.70 2.97 5.55
C ASN A 4 -0.16 1.71 5.48
N PRO A 5 -0.99 1.50 6.50
CA PRO A 5 -1.89 0.33 6.57
C PRO A 5 -3.01 0.41 5.54
N ALA A 6 -3.50 1.61 5.29
CA ALA A 6 -4.57 1.81 4.32
C ALA A 6 -4.16 1.33 2.93
N CYS A 7 -2.89 1.52 2.60
CA CYS A 7 -2.36 1.11 1.31
C CYS A 7 -1.82 -0.31 1.36
N GLN A 8 -1.23 -0.67 2.50
CA GLN A 8 -0.67 -2.00 2.69
C GLN A 8 -1.69 -3.08 2.33
N VAL A 9 -2.95 -2.81 2.64
CA VAL A 9 -4.02 -3.76 2.35
C VAL A 9 -3.98 -4.21 0.89
N GLN A 10 -3.57 -3.30 0.01
CA GLN A 10 -3.48 -3.60 -1.42
C GLN A 10 -2.03 -3.57 -1.89
N HIS A 11 -1.64 -4.57 -2.66
CA HIS A 11 -0.28 -4.66 -3.18
C HIS A 11 -0.29 -4.75 -4.71
N SER A 12 -0.13 -3.61 -5.36
CA SER A 12 -0.13 -3.57 -6.83
C SER A 12 1.18 -2.98 -7.35
N ASP A 13 2.28 -3.28 -6.66
CA ASP A 13 3.59 -2.78 -7.05
C ASP A 13 3.56 -1.27 -7.23
N LEU A 14 2.92 -0.58 -6.28
CA LEU A 14 2.82 0.87 -6.33
C LEU A 14 4.05 1.52 -5.72
N CYS A 15 4.16 1.45 -4.41
CA CYS A 15 5.31 2.03 -3.70
C CYS A 15 6.22 0.94 -3.16
N CYS A 1 -1.80 4.38 -4.11
CA CYS A 1 -1.14 3.94 -2.88
C CYS A 1 0.32 4.37 -2.86
N CYS A 2 0.77 4.83 -1.69
CA CYS A 2 2.14 5.29 -1.53
C CYS A 2 2.79 4.63 -0.32
N SER A 3 2.35 5.02 0.87
CA SER A 3 2.89 4.48 2.11
C SER A 3 1.87 4.59 3.25
N ASN A 4 1.12 3.52 3.48
CA ASN A 4 0.12 3.50 4.53
C ASN A 4 -0.03 2.11 5.13
N PRO A 5 -0.60 2.03 6.34
CA PRO A 5 -0.80 0.76 7.04
C PRO A 5 -1.86 -0.10 6.38
N ALA A 6 -2.89 0.55 5.83
CA ALA A 6 -3.98 -0.16 5.17
C ALA A 6 -3.65 -0.41 3.69
N CYS A 7 -2.95 0.54 3.08
CA CYS A 7 -2.56 0.42 1.68
C CYS A 7 -1.88 -0.92 1.42
N GLN A 8 -1.10 -1.39 2.38
CA GLN A 8 -0.38 -2.65 2.25
C GLN A 8 -1.33 -3.77 1.84
N VAL A 9 -2.57 -3.68 2.31
CA VAL A 9 -3.58 -4.70 1.98
C VAL A 9 -3.75 -4.83 0.48
N GLN A 10 -3.82 -3.70 -0.21
CA GLN A 10 -3.98 -3.69 -1.66
C GLN A 10 -2.79 -4.34 -2.34
N HIS A 11 -2.97 -4.70 -3.61
CA HIS A 11 -1.91 -5.33 -4.39
C HIS A 11 -0.81 -4.33 -4.73
N SER A 12 -1.21 -3.09 -5.01
CA SER A 12 -0.26 -2.04 -5.35
C SER A 12 0.07 -1.20 -4.12
N ASP A 13 1.13 -1.61 -3.41
CA ASP A 13 1.56 -0.88 -2.21
C ASP A 13 2.69 0.08 -2.54
N LEU A 14 3.56 -0.32 -3.46
CA LEU A 14 4.69 0.50 -3.85
C LEU A 14 4.23 1.90 -4.25
N CYS A 15 4.96 2.91 -3.81
CA CYS A 15 4.63 4.29 -4.12
C CYS A 15 5.16 4.70 -5.49
N CYS A 1 1.19 4.61 -1.67
CA CYS A 1 0.82 4.37 -0.29
C CYS A 1 1.47 3.11 0.25
N CYS A 2 2.73 2.88 -0.13
CA CYS A 2 3.47 1.72 0.31
C CYS A 2 3.41 1.57 1.83
N SER A 3 3.55 2.70 2.53
CA SER A 3 3.52 2.69 3.98
C SER A 3 2.22 3.29 4.50
N ASN A 4 1.12 2.55 4.30
CA ASN A 4 -0.19 3.00 4.74
C ASN A 4 -0.89 1.91 5.56
N PRO A 5 -1.89 2.32 6.34
CA PRO A 5 -2.67 1.39 7.18
C PRO A 5 -3.56 0.47 6.36
N ALA A 6 -4.30 1.06 5.42
CA ALA A 6 -5.19 0.28 4.57
C ALA A 6 -4.46 -0.25 3.35
N CYS A 7 -3.68 0.61 2.70
CA CYS A 7 -2.92 0.22 1.52
C CYS A 7 -2.10 -1.03 1.79
N GLN A 8 -1.59 -1.15 3.01
CA GLN A 8 -0.79 -2.31 3.40
C GLN A 8 -1.50 -3.61 3.06
N VAL A 9 -2.83 -3.60 3.21
CA VAL A 9 -3.64 -4.78 2.92
C VAL A 9 -3.82 -4.98 1.42
N GLN A 10 -3.92 -3.86 0.69
CA GLN A 10 -4.10 -3.90 -0.75
C GLN A 10 -2.77 -4.11 -1.46
N HIS A 11 -2.80 -4.80 -2.58
CA HIS A 11 -1.58 -5.07 -3.36
C HIS A 11 -1.27 -3.90 -4.30
N SER A 12 -0.34 -3.05 -3.88
CA SER A 12 0.04 -1.89 -4.68
C SER A 12 1.55 -1.86 -4.90
N ASP A 13 1.98 -2.21 -6.10
CA ASP A 13 3.40 -2.22 -6.44
C ASP A 13 3.83 -0.89 -7.03
N LEU A 14 3.43 0.19 -6.38
CA LEU A 14 3.77 1.53 -6.85
C LEU A 14 4.92 2.12 -6.04
N CYS A 15 4.68 2.31 -4.74
CA CYS A 15 5.70 2.87 -3.86
C CYS A 15 6.51 1.75 -3.20
N CYS A 1 0.90 6.72 1.88
CA CYS A 1 -0.09 5.66 1.75
C CYS A 1 0.51 4.31 2.16
N CYS A 2 1.47 3.84 1.38
CA CYS A 2 2.13 2.56 1.65
C CYS A 2 2.62 2.51 3.10
N SER A 3 3.09 3.65 3.59
CA SER A 3 3.60 3.73 4.96
C SER A 3 2.59 3.17 5.95
N ASN A 4 1.31 3.40 5.68
CA ASN A 4 0.24 2.92 6.55
C ASN A 4 -0.20 1.52 6.15
N PRO A 5 -0.86 0.82 7.09
CA PRO A 5 -1.34 -0.54 6.86
C PRO A 5 -2.49 -0.59 5.86
N ALA A 6 -3.34 0.43 5.89
CA ALA A 6 -4.48 0.52 4.99
C ALA A 6 -4.05 0.30 3.54
N CYS A 7 -3.06 1.08 3.10
CA CYS A 7 -2.55 0.97 1.74
C CYS A 7 -1.81 -0.34 1.53
N GLN A 8 -1.10 -0.78 2.57
CA GLN A 8 -0.34 -2.02 2.50
C GLN A 8 -1.24 -3.20 2.13
N VAL A 9 -2.43 -3.23 2.73
CA VAL A 9 -3.39 -4.29 2.47
C VAL A 9 -3.71 -4.39 0.98
N GLN A 10 -3.80 -3.24 0.32
CA GLN A 10 -4.10 -3.20 -1.10
C GLN A 10 -2.84 -3.46 -1.93
N HIS A 11 -2.98 -4.31 -2.95
CA HIS A 11 -1.86 -4.65 -3.81
C HIS A 11 -1.48 -3.46 -4.70
N SER A 12 -0.53 -2.66 -4.23
CA SER A 12 -0.09 -1.48 -4.97
C SER A 12 1.40 -1.60 -5.34
N ASP A 13 1.65 -2.14 -6.52
CA ASP A 13 3.03 -2.31 -6.99
C ASP A 13 3.76 -0.97 -7.03
N LEU A 14 3.23 -0.04 -7.81
CA LEU A 14 3.84 1.29 -7.94
C LEU A 14 3.50 2.15 -6.73
N CYS A 15 4.52 2.58 -6.01
CA CYS A 15 4.33 3.43 -4.83
C CYS A 15 5.48 4.41 -4.68
N CYS A 1 -0.04 3.63 -2.14
CA CYS A 1 -0.22 2.96 -0.86
C CYS A 1 1.07 2.96 -0.06
N CYS A 2 1.51 4.15 0.35
CA CYS A 2 2.72 4.28 1.13
C CYS A 2 2.43 4.93 2.49
N SER A 3 1.47 5.84 2.51
CA SER A 3 1.09 6.54 3.73
C SER A 3 0.86 5.55 4.87
N ASN A 4 -0.27 4.86 4.82
CA ASN A 4 -0.61 3.88 5.85
C ASN A 4 -0.40 2.45 5.35
N PRO A 5 -0.26 1.51 6.28
CA PRO A 5 -0.06 0.09 5.95
C PRO A 5 -1.30 -0.55 5.33
N ALA A 6 -2.47 -0.07 5.74
CA ALA A 6 -3.73 -0.60 5.23
C ALA A 6 -3.72 -0.64 3.70
N CYS A 7 -3.41 0.49 3.08
CA CYS A 7 -3.35 0.59 1.63
C CYS A 7 -2.38 -0.42 1.04
N GLN A 8 -1.22 -0.55 1.68
CA GLN A 8 -0.20 -1.49 1.23
C GLN A 8 -0.78 -2.89 1.06
N VAL A 9 -1.69 -3.26 1.96
CA VAL A 9 -2.33 -4.56 1.91
C VAL A 9 -2.89 -4.86 0.53
N GLN A 10 -3.40 -3.82 -0.13
CA GLN A 10 -3.96 -3.98 -1.47
C GLN A 10 -2.91 -4.44 -2.46
N HIS A 11 -3.36 -4.92 -3.61
CA HIS A 11 -2.45 -5.41 -4.65
C HIS A 11 -1.39 -4.36 -4.98
N SER A 12 -1.80 -3.09 -4.98
CA SER A 12 -0.91 -1.99 -5.27
C SER A 12 -0.04 -1.64 -4.07
N ASP A 13 1.07 -2.36 -3.92
CA ASP A 13 1.99 -2.15 -2.81
C ASP A 13 3.11 -1.19 -3.21
N LEU A 14 3.59 -1.34 -4.44
CA LEU A 14 4.66 -0.49 -4.95
C LEU A 14 4.34 0.98 -4.75
N CYS A 15 5.36 1.78 -4.46
CA CYS A 15 5.18 3.21 -4.24
C CYS A 15 5.35 3.97 -5.55
N CYS A 1 2.01 4.86 -1.93
CA CYS A 1 2.02 4.31 -0.58
C CYS A 1 3.05 3.18 -0.46
N CYS A 2 3.74 3.14 0.67
CA CYS A 2 4.74 2.11 0.91
C CYS A 2 4.52 1.42 2.25
N SER A 3 4.46 2.22 3.31
CA SER A 3 4.25 1.69 4.66
C SER A 3 2.96 2.25 5.27
N ASN A 4 1.83 1.75 4.81
CA ASN A 4 0.54 2.21 5.31
C ASN A 4 -0.47 1.06 5.35
N PRO A 5 -1.53 1.23 6.15
CA PRO A 5 -2.58 0.22 6.30
C PRO A 5 -3.43 0.07 5.03
N ALA A 6 -3.88 1.20 4.50
CA ALA A 6 -4.69 1.19 3.28
C ALA A 6 -3.97 0.49 2.14
N CYS A 7 -2.65 0.66 2.09
CA CYS A 7 -1.85 0.05 1.04
C CYS A 7 -1.58 -1.43 1.35
N GLN A 8 -1.41 -1.74 2.63
CA GLN A 8 -1.15 -3.10 3.05
C GLN A 8 -2.26 -4.04 2.57
N VAL A 9 -3.51 -3.69 2.89
CA VAL A 9 -4.65 -4.49 2.49
C VAL A 9 -4.68 -4.69 0.98
N GLN A 10 -4.25 -3.68 0.24
CA GLN A 10 -4.22 -3.74 -1.22
C GLN A 10 -3.11 -2.85 -1.79
N HIS A 11 -2.10 -3.49 -2.37
CA HIS A 11 -0.99 -2.75 -2.96
C HIS A 11 -0.75 -3.18 -4.40
N SER A 12 -0.87 -2.23 -5.32
CA SER A 12 -0.67 -2.50 -6.74
C SER A 12 0.74 -2.11 -7.17
N ASP A 13 1.70 -2.34 -6.30
CA ASP A 13 3.10 -2.02 -6.60
C ASP A 13 3.23 -0.54 -7.00
N LEU A 14 2.56 0.32 -6.25
CA LEU A 14 2.61 1.77 -6.53
C LEU A 14 3.09 2.53 -5.30
N CYS A 15 4.09 3.38 -5.50
CA CYS A 15 4.65 4.18 -4.42
C CYS A 15 5.61 5.24 -4.94
N CYS A 1 7.35 -2.77 1.34
CA CYS A 1 6.60 -1.82 0.53
C CYS A 1 6.58 -0.44 1.18
N CYS A 2 5.76 0.46 0.64
CA CYS A 2 5.65 1.81 1.17
C CYS A 2 5.14 1.79 2.61
N SER A 3 5.25 2.93 3.29
CA SER A 3 4.81 3.04 4.67
C SER A 3 3.40 3.62 4.74
N ASN A 4 2.43 2.85 4.26
CA ASN A 4 1.04 3.28 4.26
C ASN A 4 0.10 2.10 4.50
N PRO A 5 -1.14 2.40 4.92
CA PRO A 5 -2.15 1.38 5.19
C PRO A 5 -2.65 0.71 3.91
N ALA A 6 -2.69 1.47 2.83
CA ALA A 6 -3.13 0.95 1.54
C ALA A 6 -2.40 -0.34 1.19
N CYS A 7 -1.12 -0.41 1.55
CA CYS A 7 -0.31 -1.59 1.27
C CYS A 7 -0.84 -2.80 2.03
N GLN A 8 -1.33 -2.57 3.24
CA GLN A 8 -1.86 -3.65 4.07
C GLN A 8 -3.15 -4.19 3.49
N VAL A 9 -4.11 -3.30 3.23
CA VAL A 9 -5.39 -3.69 2.67
C VAL A 9 -5.22 -4.36 1.32
N GLN A 10 -4.26 -3.88 0.53
CA GLN A 10 -4.00 -4.43 -0.78
C GLN A 10 -2.55 -4.15 -1.21
N HIS A 11 -2.04 -4.97 -2.13
CA HIS A 11 -0.69 -4.82 -2.63
C HIS A 11 -0.59 -3.67 -3.63
N SER A 12 -0.94 -2.47 -3.18
CA SER A 12 -0.91 -1.30 -4.04
C SER A 12 0.45 -0.61 -3.96
N ASP A 13 1.37 -1.05 -4.83
CA ASP A 13 2.71 -0.46 -4.87
C ASP A 13 2.65 1.06 -4.98
N LEU A 14 1.67 1.54 -5.73
CA LEU A 14 1.50 2.98 -5.92
C LEU A 14 1.46 3.70 -4.57
N CYS A 15 2.31 4.72 -4.43
CA CYS A 15 2.37 5.49 -3.19
C CYS A 15 2.43 6.98 -3.50
N CYS A 1 -0.62 6.43 -1.68
CA CYS A 1 -0.28 5.08 -1.28
C CYS A 1 1.24 4.87 -1.29
N CYS A 2 1.84 4.88 -0.12
CA CYS A 2 3.28 4.69 0.00
C CYS A 2 3.61 3.57 0.99
N SER A 3 3.24 3.78 2.25
CA SER A 3 3.49 2.78 3.30
C SER A 3 2.40 2.81 4.36
N ASN A 4 1.16 2.64 3.92
CA ASN A 4 0.02 2.66 4.84
C ASN A 4 -0.63 1.28 4.92
N PRO A 5 -1.40 1.05 5.99
CA PRO A 5 -2.09 -0.22 6.21
C PRO A 5 -3.23 -0.45 5.23
N ALA A 6 -3.99 0.62 4.96
CA ALA A 6 -5.11 0.54 4.03
C ALA A 6 -4.65 0.03 2.66
N CYS A 7 -3.45 0.42 2.26
CA CYS A 7 -2.90 0.01 0.98
C CYS A 7 -2.10 -1.28 1.11
N GLN A 8 -1.41 -1.43 2.24
CA GLN A 8 -0.61 -2.62 2.50
C GLN A 8 -1.44 -3.89 2.30
N VAL A 9 -2.66 -3.87 2.81
CA VAL A 9 -3.55 -5.02 2.68
C VAL A 9 -3.81 -5.36 1.22
N GLN A 10 -3.88 -4.33 0.38
CA GLN A 10 -4.12 -4.53 -1.04
C GLN A 10 -2.81 -4.76 -1.79
N HIS A 11 -2.92 -5.01 -3.09
CA HIS A 11 -1.74 -5.24 -3.92
C HIS A 11 -1.24 -3.94 -4.54
N SER A 12 -0.44 -3.19 -3.78
CA SER A 12 0.09 -1.92 -4.25
C SER A 12 1.57 -1.81 -3.91
N ASP A 13 2.42 -2.05 -4.91
CA ASP A 13 3.87 -1.96 -4.72
C ASP A 13 4.48 -0.87 -5.59
N LEU A 14 4.25 0.38 -5.22
CA LEU A 14 4.77 1.51 -5.97
C LEU A 14 5.67 2.39 -5.10
N CYS A 15 5.07 3.01 -4.09
CA CYS A 15 5.81 3.87 -3.18
C CYS A 15 5.88 3.26 -1.78
#